data_3K61
#
_entry.id   3K61
#
_cell.length_a   97.173
_cell.length_b   97.173
_cell.length_c   102.305
_cell.angle_alpha   90.00
_cell.angle_beta   90.00
_cell.angle_gamma   120.00
#
_symmetry.space_group_name_H-M   'P 61'
#
loop_
_entity.id
_entity.type
_entity.pdbx_description
1 polymer 'Fem-3 mRNA-binding factor 2'
2 polymer "5'-R(*UP*GP*UP*AP*AP*AP*AP*UP*C)-3'"
3 water water
#
loop_
_entity_poly.entity_id
_entity_poly.type
_entity_poly.pdbx_seq_one_letter_code
_entity_poly.pdbx_strand_id
1 'polypeptide(L)'
;SNNVLPTWSLDSNGEMRSRLSLSEVLDSGDLMKFAVDKTGCQFLEKAVKGSLTSYQKFQLFEQVIGRKDDFLKLSTNIFG
NYLVQSVIGISLATNDDGYTKRQEKLKNFISSQMTDMCLDKFACRVIQSSLQNMDLSLACKLVQALPRDARLIAICVDQN
ANHVIQKVVAVIPLKNWEFIVDFVATPEHLRQICSDKYGCRVVQTIIEKLTADSMNVDLTSAAQNLRERALQRLMTSVTN
RCQELATNEYANYIIQHIVSNDDLAVYRECIIEKCLMRNLLSLSQEKFASHVVEKAFLHAPLELLAEMMDEIFDGYIPHP
DTGKDALDIMMFHQFGNYVVQCMLTICCDAVSGRRQTKEGGYDHAISFQDWLKKLHSRVTKERHRLSRFSSGKKMIETLA
NLRSTHPIYELQ
;
A
2 'polyribonucleotide' UGUAAAAUC B
#
loop_
_chem_comp.id
_chem_comp.type
_chem_comp.name
_chem_comp.formula
A RNA linking ADENOSINE-5'-MONOPHOSPHATE 'C10 H14 N5 O7 P'
C RNA linking CYTIDINE-5'-MONOPHOSPHATE 'C9 H14 N3 O8 P'
G RNA linking GUANOSINE-5'-MONOPHOSPHATE 'C10 H14 N5 O8 P'
U RNA linking URIDINE-5'-MONOPHOSPHATE 'C9 H13 N2 O9 P'
#
# COMPACT_ATOMS: atom_id res chain seq x y z
N LEU A 5 6.18 -25.24 33.36
CA LEU A 5 5.00 -26.08 33.52
C LEU A 5 4.85 -26.66 34.93
N PRO A 6 3.62 -26.63 35.46
CA PRO A 6 3.29 -27.18 36.79
C PRO A 6 3.73 -28.63 36.91
N THR A 7 4.07 -29.05 38.13
CA THR A 7 4.51 -30.42 38.37
C THR A 7 3.49 -31.48 37.94
N TRP A 8 2.21 -31.26 38.26
CA TRP A 8 1.13 -32.25 38.11
C TRP A 8 0.81 -32.56 36.64
N SER A 9 1.20 -31.65 35.75
CA SER A 9 1.02 -31.85 34.32
C SER A 9 2.21 -32.61 33.76
N ARG A 17 1.65 -34.57 29.97
CA ARG A 17 2.16 -35.89 29.68
C ARG A 17 0.97 -36.26 28.81
N SER A 18 1.14 -36.98 27.71
CA SER A 18 0.01 -37.08 26.76
C SER A 18 -1.28 -37.62 27.38
N ARG A 19 -2.39 -37.45 26.66
CA ARG A 19 -3.71 -37.81 27.16
C ARG A 19 -4.09 -36.93 28.36
N LEU A 20 -4.01 -35.62 28.15
CA LEU A 20 -4.38 -34.66 29.18
C LEU A 20 -5.66 -33.98 28.75
N SER A 21 -6.51 -33.61 29.71
CA SER A 21 -7.80 -33.01 29.40
C SER A 21 -7.80 -31.49 29.57
N LEU A 22 -8.60 -30.83 28.74
CA LEU A 22 -8.76 -29.39 28.81
C LEU A 22 -9.34 -28.97 30.15
N SER A 23 -10.30 -29.73 30.64
CA SER A 23 -10.91 -29.39 31.93
C SER A 23 -9.90 -29.41 33.08
N GLU A 24 -8.95 -30.35 33.01
CA GLU A 24 -7.88 -30.40 34.01
C GLU A 24 -7.13 -29.08 34.04
N VAL A 25 -6.78 -28.58 32.87
CA VAL A 25 -6.01 -27.35 32.78
C VAL A 25 -6.84 -26.18 33.29
N LEU A 26 -8.10 -26.12 32.88
CA LEU A 26 -8.96 -25.01 33.23
C LEU A 26 -9.23 -24.98 34.73
N ASP A 27 -9.43 -26.16 35.33
CA ASP A 27 -9.73 -26.27 36.76
C ASP A 27 -8.49 -26.02 37.64
N SER A 28 -7.32 -26.36 37.11
CA SER A 28 -6.08 -26.30 37.89
C SER A 28 -5.71 -24.88 38.32
N GLY A 29 -6.05 -23.91 37.48
CA GLY A 29 -5.71 -22.52 37.76
C GLY A 29 -4.33 -22.19 37.21
N ASP A 30 -3.77 -23.13 36.45
CA ASP A 30 -2.43 -22.97 35.90
C ASP A 30 -2.46 -22.70 34.41
N LEU A 31 -3.58 -22.22 33.89
CA LEU A 31 -3.67 -21.99 32.45
C LEU A 31 -2.54 -21.07 31.96
N MET A 32 -2.34 -19.96 32.65
CA MET A 32 -1.37 -18.95 32.23
C MET A 32 0.02 -19.55 32.03
N LYS A 33 0.34 -20.62 32.75
CA LYS A 33 1.63 -21.29 32.60
C LYS A 33 1.69 -22.09 31.30
N PHE A 34 0.60 -22.79 30.99
CA PHE A 34 0.48 -23.50 29.72
C PHE A 34 0.51 -22.58 28.51
N ALA A 35 -0.19 -21.46 28.61
CA ALA A 35 -0.40 -20.58 27.48
C ALA A 35 0.88 -19.87 26.99
N VAL A 36 1.85 -19.68 27.86
CA VAL A 36 3.12 -19.04 27.46
C VAL A 36 4.23 -20.06 27.19
N ASP A 37 3.90 -21.33 27.40
CA ASP A 37 4.82 -22.43 27.08
C ASP A 37 4.54 -22.91 25.65
N LYS A 38 5.59 -23.22 24.91
CA LYS A 38 5.44 -23.71 23.54
C LYS A 38 4.53 -24.94 23.45
N THR A 39 4.88 -25.97 24.22
CA THR A 39 4.16 -27.23 24.20
C THR A 39 2.79 -27.10 24.84
N GLY A 40 2.73 -26.37 25.96
CA GLY A 40 1.48 -26.11 26.66
C GLY A 40 0.47 -25.38 25.79
N CYS A 41 0.93 -24.37 25.06
CA CYS A 41 0.02 -23.60 24.23
C CYS A 41 -0.39 -24.41 23.00
N GLN A 42 0.51 -25.26 22.54
CA GLN A 42 0.22 -26.14 21.43
C GLN A 42 -0.95 -27.03 21.79
N PHE A 43 -0.95 -27.52 23.02
CA PHE A 43 -2.03 -28.36 23.53
C PHE A 43 -3.38 -27.62 23.57
N LEU A 44 -3.38 -26.43 24.16
CA LEU A 44 -4.60 -25.64 24.30
C LEU A 44 -5.21 -25.29 22.95
N GLU A 45 -4.37 -24.82 22.04
CA GLU A 45 -4.77 -24.48 20.69
C GLU A 45 -5.50 -25.62 19.98
N LYS A 46 -5.11 -26.85 20.26
CA LYS A 46 -5.78 -27.99 19.64
C LYS A 46 -7.06 -28.30 20.40
N ALA A 47 -7.00 -28.19 21.72
CA ALA A 47 -8.16 -28.48 22.56
C ALA A 47 -9.32 -27.52 22.32
N VAL A 48 -9.02 -26.24 22.14
CA VAL A 48 -10.10 -25.26 21.98
C VAL A 48 -10.74 -25.33 20.60
N LYS A 49 -10.22 -26.18 19.72
CA LYS A 49 -10.84 -26.41 18.41
C LYS A 49 -11.96 -27.45 18.48
N GLY A 50 -11.96 -28.25 19.54
CA GLY A 50 -12.93 -29.32 19.70
C GLY A 50 -14.29 -28.86 20.19
N SER A 51 -15.11 -29.81 20.62
CA SER A 51 -16.40 -29.49 21.19
C SER A 51 -16.19 -28.96 22.60
N LEU A 52 -16.73 -27.79 22.88
CA LEU A 52 -16.65 -27.21 24.21
C LEU A 52 -18.05 -27.16 24.82
N THR A 53 -18.14 -27.55 26.09
CA THR A 53 -19.39 -27.40 26.81
C THR A 53 -19.48 -25.96 27.26
N SER A 54 -20.64 -25.57 27.77
CA SER A 54 -20.86 -24.21 28.22
C SER A 54 -19.82 -23.76 29.23
N TYR A 55 -19.50 -24.64 30.19
CA TYR A 55 -18.62 -24.26 31.29
C TYR A 55 -17.17 -24.16 30.88
N GLN A 56 -16.72 -25.05 29.99
CA GLN A 56 -15.39 -24.94 29.44
C GLN A 56 -15.22 -23.61 28.75
N LYS A 57 -16.26 -23.19 28.00
CA LYS A 57 -16.22 -21.91 27.31
C LYS A 57 -16.17 -20.80 28.34
N PHE A 58 -17.00 -20.92 29.36
CA PHE A 58 -17.09 -19.94 30.45
C PHE A 58 -15.71 -19.72 31.09
N GLN A 59 -15.01 -20.80 31.38
CA GLN A 59 -13.69 -20.73 32.01
C GLN A 59 -12.65 -20.09 31.11
N LEU A 60 -12.68 -20.44 29.82
CA LEU A 60 -11.76 -19.88 28.84
C LEU A 60 -12.01 -18.39 28.71
N PHE A 61 -13.27 -18.00 28.64
CA PHE A 61 -13.62 -16.59 28.60
C PHE A 61 -13.03 -15.86 29.81
N GLU A 62 -13.13 -16.48 30.98
CA GLU A 62 -12.68 -15.84 32.21
C GLU A 62 -11.16 -15.75 32.30
N GLN A 63 -10.48 -16.84 31.97
CA GLN A 63 -9.04 -16.94 32.18
C GLN A 63 -8.23 -16.28 31.05
N VAL A 64 -8.75 -16.35 29.83
CA VAL A 64 -8.01 -15.87 28.67
C VAL A 64 -8.33 -14.42 28.29
N ILE A 65 -9.61 -14.05 28.32
CA ILE A 65 -9.98 -12.70 27.92
C ILE A 65 -10.84 -11.99 28.97
N GLY A 66 -10.77 -12.47 30.21
CA GLY A 66 -11.61 -11.96 31.26
C GLY A 66 -10.97 -10.94 32.18
N ARG A 67 -9.66 -11.06 32.42
CA ARG A 67 -8.97 -10.09 33.27
C ARG A 67 -7.86 -9.34 32.52
N LYS A 68 -7.86 -8.01 32.66
CA LYS A 68 -7.02 -7.15 31.83
C LYS A 68 -5.55 -7.54 31.77
N ASP A 69 -4.96 -7.84 32.93
CA ASP A 69 -3.53 -8.11 33.00
C ASP A 69 -3.12 -9.42 32.30
N ASP A 70 -3.87 -10.48 32.55
CA ASP A 70 -3.59 -11.77 31.93
C ASP A 70 -3.87 -11.72 30.44
N PHE A 71 -4.91 -10.98 30.07
CA PHE A 71 -5.25 -10.79 28.67
C PHE A 71 -4.11 -10.06 27.94
N LEU A 72 -3.59 -9.02 28.57
CA LEU A 72 -2.47 -8.27 28.01
C LEU A 72 -1.21 -9.11 27.99
N LYS A 73 -1.02 -9.91 29.03
CA LYS A 73 0.15 -10.79 29.12
C LYS A 73 0.14 -11.83 27.99
N LEU A 74 -1.01 -12.42 27.74
CA LEU A 74 -1.11 -13.43 26.70
C LEU A 74 -1.05 -12.82 25.31
N SER A 75 -1.73 -11.68 25.14
CA SER A 75 -1.75 -10.98 23.85
C SER A 75 -0.35 -10.58 23.36
N THR A 76 0.52 -10.21 24.29
CA THR A 76 1.88 -9.77 23.95
C THR A 76 2.87 -10.93 23.94
N ASN A 77 2.35 -12.14 24.11
CA ASN A 77 3.20 -13.30 24.18
C ASN A 77 3.29 -14.02 22.85
N ILE A 78 4.50 -14.49 22.53
CA ILE A 78 4.77 -15.20 21.27
C ILE A 78 3.85 -16.39 21.02
N PHE A 79 3.55 -17.14 22.07
CA PHE A 79 2.66 -18.29 21.95
C PHE A 79 1.22 -17.89 22.28
N GLY A 80 1.08 -17.14 23.37
CA GLY A 80 -0.23 -16.81 23.92
C GLY A 80 -1.17 -16.05 23.01
N ASN A 81 -0.62 -15.22 22.13
CA ASN A 81 -1.46 -14.39 21.29
C ASN A 81 -2.37 -15.22 20.38
N TYR A 82 -1.95 -16.44 20.06
CA TYR A 82 -2.75 -17.35 19.26
C TYR A 82 -3.98 -17.82 20.05
N LEU A 83 -3.75 -18.21 21.30
CA LEU A 83 -4.84 -18.64 22.16
C LEU A 83 -5.84 -17.50 22.34
N VAL A 84 -5.31 -16.29 22.56
CA VAL A 84 -6.18 -15.14 22.71
C VAL A 84 -7.11 -14.99 21.50
N GLN A 85 -6.55 -15.12 20.31
CA GLN A 85 -7.32 -15.03 19.09
C GLN A 85 -8.38 -16.12 18.93
N SER A 86 -8.03 -17.35 19.29
CA SER A 86 -8.99 -18.44 19.24
C SER A 86 -10.13 -18.23 20.22
N VAL A 87 -9.80 -17.73 21.41
CA VAL A 87 -10.85 -17.58 22.43
C VAL A 87 -11.76 -16.41 22.10
N ILE A 88 -11.19 -15.38 21.48
CA ILE A 88 -11.99 -14.28 20.96
C ILE A 88 -12.98 -14.83 19.92
N GLY A 89 -12.49 -15.67 19.03
CA GLY A 89 -13.34 -16.28 18.02
C GLY A 89 -14.46 -17.09 18.64
N ILE A 90 -14.15 -17.82 19.71
CA ILE A 90 -15.15 -18.66 20.37
C ILE A 90 -16.16 -17.80 21.11
N SER A 91 -15.68 -16.71 21.70
CA SER A 91 -16.55 -15.76 22.39
C SER A 91 -17.58 -15.17 21.45
N LEU A 92 -17.13 -14.76 20.27
CA LEU A 92 -17.99 -14.19 19.24
C LEU A 92 -18.99 -15.19 18.67
N ALA A 93 -18.62 -16.47 18.66
CA ALA A 93 -19.53 -17.50 18.14
C ALA A 93 -20.52 -17.99 19.19
N THR A 94 -20.38 -17.55 20.43
CA THR A 94 -21.24 -18.04 21.51
C THR A 94 -22.24 -16.99 21.96
N ASN A 95 -23.40 -17.00 21.31
CA ASN A 95 -24.39 -15.96 21.53
C ASN A 95 -25.26 -16.25 22.75
N ASP A 96 -24.60 -16.53 23.89
CA ASP A 96 -25.30 -16.72 25.15
C ASP A 96 -25.54 -15.38 25.86
N ASP A 97 -26.00 -15.42 27.11
CA ASP A 97 -26.39 -14.20 27.80
C ASP A 97 -25.21 -13.29 28.18
N GLY A 98 -24.03 -13.88 28.38
CA GLY A 98 -22.86 -13.10 28.75
C GLY A 98 -22.09 -12.54 27.56
N TYR A 99 -22.67 -12.67 26.37
CA TYR A 99 -22.01 -12.27 25.13
C TYR A 99 -21.63 -10.80 25.14
N THR A 100 -22.60 -9.94 25.44
CA THR A 100 -22.38 -8.50 25.43
C THR A 100 -21.29 -8.05 26.38
N LYS A 101 -21.37 -8.49 27.63
CA LYS A 101 -20.38 -8.13 28.64
C LYS A 101 -18.97 -8.57 28.23
N ARG A 102 -18.85 -9.72 27.58
CA ARG A 102 -17.54 -10.17 27.11
C ARG A 102 -16.99 -9.27 26.01
N GLN A 103 -17.82 -8.94 25.04
CA GLN A 103 -17.33 -8.16 23.91
C GLN A 103 -17.05 -6.73 24.35
N GLU A 104 -17.87 -6.22 25.26
CA GLU A 104 -17.70 -4.86 25.77
C GLU A 104 -16.39 -4.78 26.53
N LYS A 105 -16.16 -5.79 27.36
CA LYS A 105 -14.94 -5.87 28.15
C LYS A 105 -13.72 -5.94 27.25
N LEU A 106 -13.77 -6.81 26.25
CA LEU A 106 -12.64 -6.96 25.34
C LEU A 106 -12.34 -5.62 24.65
N LYS A 107 -13.39 -4.91 24.24
CA LYS A 107 -13.22 -3.60 23.63
C LYS A 107 -12.56 -2.61 24.59
N ASN A 108 -12.97 -2.64 25.86
CA ASN A 108 -12.40 -1.77 26.88
C ASN A 108 -10.93 -2.08 27.19
N PHE A 109 -10.58 -3.37 27.20
CA PHE A 109 -9.21 -3.80 27.46
C PHE A 109 -8.26 -3.27 26.40
N ILE A 110 -8.58 -3.56 25.14
CA ILE A 110 -7.72 -3.17 24.03
C ILE A 110 -7.74 -1.65 23.86
N SER A 111 -8.93 -1.08 23.91
CA SER A 111 -9.10 0.36 23.80
C SER A 111 -8.09 1.07 24.70
N SER A 112 -7.96 0.58 25.93
CA SER A 112 -7.19 1.27 26.96
C SER A 112 -5.67 1.12 26.79
N GLN A 113 -5.25 0.17 25.97
CA GLN A 113 -3.83 -0.06 25.76
C GLN A 113 -3.50 -0.06 24.28
N MET A 114 -4.33 0.65 23.52
CA MET A 114 -4.27 0.63 22.06
C MET A 114 -2.84 0.73 21.49
N THR A 115 -2.19 1.86 21.73
CA THR A 115 -0.90 2.14 21.11
C THR A 115 0.12 1.05 21.43
N ASP A 116 0.15 0.66 22.70
CA ASP A 116 1.11 -0.33 23.16
C ASP A 116 0.85 -1.69 22.51
N MET A 117 -0.42 -2.02 22.26
CA MET A 117 -0.71 -3.29 21.62
C MET A 117 -0.40 -3.25 20.13
N CYS A 118 -0.63 -2.10 19.51
CA CYS A 118 -0.33 -1.94 18.09
C CYS A 118 1.16 -2.13 17.83
N LEU A 119 1.99 -1.51 18.67
CA LEU A 119 3.44 -1.55 18.49
C LEU A 119 4.07 -2.89 18.91
N ASP A 120 3.29 -3.75 19.55
CA ASP A 120 3.78 -5.07 19.91
C ASP A 120 3.65 -6.03 18.72
N LYS A 121 4.71 -6.80 18.48
CA LYS A 121 4.75 -7.72 17.37
C LYS A 121 3.61 -8.75 17.43
N PHE A 122 3.23 -9.13 18.64
CA PHE A 122 2.24 -10.19 18.79
C PHE A 122 0.85 -9.65 19.05
N ALA A 123 0.76 -8.59 19.84
CA ALA A 123 -0.53 -8.02 20.21
C ALA A 123 -1.23 -7.36 19.02
N CYS A 124 -0.44 -6.82 18.08
CA CYS A 124 -1.00 -6.19 16.89
C CYS A 124 -1.80 -7.21 16.08
N ARG A 125 -1.41 -8.47 16.19
CA ARG A 125 -2.16 -9.56 15.57
C ARG A 125 -3.53 -9.77 16.26
N VAL A 126 -3.56 -9.64 17.58
CA VAL A 126 -4.82 -9.69 18.34
C VAL A 126 -5.73 -8.53 17.95
N ILE A 127 -5.16 -7.34 17.83
CA ILE A 127 -5.89 -6.18 17.35
C ILE A 127 -6.50 -6.44 15.98
N GLN A 128 -5.71 -7.01 15.08
CA GLN A 128 -6.16 -7.21 13.71
C GLN A 128 -7.33 -8.20 13.60
N SER A 129 -7.28 -9.32 14.30
CA SER A 129 -8.41 -10.25 14.20
C SER A 129 -9.66 -9.73 14.91
N SER A 130 -9.46 -8.91 15.95
CA SER A 130 -10.59 -8.27 16.63
C SER A 130 -11.32 -7.30 15.70
N LEU A 131 -10.55 -6.46 15.02
CA LEU A 131 -11.12 -5.55 14.02
C LEU A 131 -11.99 -6.25 12.99
N GLN A 132 -11.56 -7.39 12.46
CA GLN A 132 -12.36 -7.99 11.40
C GLN A 132 -13.46 -8.92 11.88
N ASN A 133 -13.33 -9.41 13.11
CA ASN A 133 -14.26 -10.41 13.65
C ASN A 133 -15.32 -9.87 14.62
N MET A 134 -14.98 -8.87 15.42
CA MET A 134 -15.94 -8.29 16.36
C MET A 134 -17.11 -7.69 15.59
N ASP A 135 -18.26 -7.58 16.25
CA ASP A 135 -19.37 -6.84 15.66
C ASP A 135 -18.81 -5.49 15.20
N LEU A 136 -19.29 -5.02 14.05
CA LEU A 136 -18.75 -3.80 13.45
C LEU A 136 -18.81 -2.60 14.38
N SER A 137 -19.93 -2.46 15.11
CA SER A 137 -20.12 -1.33 16.01
C SER A 137 -19.09 -1.28 17.14
N LEU A 138 -18.64 -2.45 17.60
CA LEU A 138 -17.61 -2.51 18.65
C LEU A 138 -16.20 -2.34 18.04
N ALA A 139 -15.99 -2.92 16.86
CA ALA A 139 -14.74 -2.71 16.13
C ALA A 139 -14.51 -1.22 15.82
N CYS A 140 -15.58 -0.50 15.48
CA CYS A 140 -15.48 0.94 15.26
C CYS A 140 -14.96 1.68 16.50
N LYS A 141 -15.38 1.23 17.69
CA LYS A 141 -14.90 1.84 18.92
C LYS A 141 -13.40 1.60 19.16
N LEU A 142 -12.89 0.45 18.71
CA LEU A 142 -11.45 0.18 18.78
C LEU A 142 -10.67 1.18 17.94
N VAL A 143 -11.24 1.54 16.79
CA VAL A 143 -10.61 2.49 15.89
C VAL A 143 -10.53 3.90 16.50
N GLN A 144 -11.53 4.27 17.30
CA GLN A 144 -11.53 5.57 17.96
C GLN A 144 -10.42 5.69 18.98
N ALA A 145 -9.96 4.54 19.49
CA ALA A 145 -8.87 4.50 20.46
C ALA A 145 -7.47 4.71 19.87
N LEU A 146 -7.35 4.74 18.55
CA LEU A 146 -6.06 5.06 17.94
C LEU A 146 -5.61 6.46 18.36
N PRO A 147 -4.30 6.63 18.64
CA PRO A 147 -3.70 7.92 18.99
C PRO A 147 -3.74 8.88 17.81
N ARG A 148 -3.73 10.18 18.11
CA ARG A 148 -3.84 11.20 17.08
C ARG A 148 -2.60 12.10 17.06
N ASP A 149 -1.51 11.63 17.66
CA ASP A 149 -0.30 12.43 17.76
C ASP A 149 0.90 11.74 17.11
N ALA A 150 2.10 12.08 17.56
CA ALA A 150 3.32 11.45 17.08
C ALA A 150 3.24 9.92 17.10
N ARG A 151 2.51 9.39 18.09
CA ARG A 151 2.32 7.94 18.22
C ARG A 151 1.67 7.28 17.01
N LEU A 152 0.82 8.02 16.30
CA LEU A 152 0.19 7.46 15.10
C LEU A 152 1.22 7.29 13.98
N ILE A 153 2.14 8.24 13.88
CA ILE A 153 3.24 8.09 12.92
C ILE A 153 4.09 6.88 13.29
N ALA A 154 4.34 6.73 14.58
CA ALA A 154 5.12 5.59 15.08
C ALA A 154 4.50 4.28 14.61
N ILE A 155 3.17 4.24 14.62
CA ILE A 155 2.45 3.03 14.24
C ILE A 155 2.54 2.78 12.74
N CYS A 156 2.37 3.84 11.96
CA CYS A 156 2.47 3.75 10.50
C CYS A 156 3.84 3.30 9.99
N VAL A 157 4.91 3.65 10.72
CA VAL A 157 6.27 3.32 10.25
C VAL A 157 6.83 2.04 10.85
N ASP A 158 6.09 1.44 11.78
CA ASP A 158 6.53 0.17 12.35
C ASP A 158 6.19 -0.97 11.39
N GLN A 159 7.12 -1.90 11.24
CA GLN A 159 6.95 -3.03 10.32
C GLN A 159 5.75 -3.90 10.69
N ASN A 160 5.42 -3.95 11.98
CA ASN A 160 4.27 -4.74 12.45
C ASN A 160 3.02 -3.89 12.64
N ALA A 161 3.17 -2.77 13.33
CA ALA A 161 2.01 -1.93 13.68
C ALA A 161 1.29 -1.36 12.46
N ASN A 162 2.02 -1.10 11.39
CA ASN A 162 1.39 -0.49 10.21
C ASN A 162 0.23 -1.36 9.71
N HIS A 163 0.32 -2.66 9.93
CA HIS A 163 -0.74 -3.58 9.50
C HIS A 163 -2.07 -3.42 10.24
N VAL A 164 -2.04 -2.81 11.42
CA VAL A 164 -3.28 -2.49 12.10
C VAL A 164 -4.04 -1.43 11.29
N ILE A 165 -3.31 -0.41 10.85
CA ILE A 165 -3.90 0.66 10.06
C ILE A 165 -4.43 0.12 8.73
N GLN A 166 -3.67 -0.78 8.10
CA GLN A 166 -4.14 -1.43 6.88
C GLN A 166 -5.41 -2.27 7.11
N LYS A 167 -5.49 -2.94 8.26
CA LYS A 167 -6.69 -3.71 8.58
C LYS A 167 -7.90 -2.80 8.80
N VAL A 168 -7.68 -1.68 9.49
CA VAL A 168 -8.74 -0.72 9.68
C VAL A 168 -9.32 -0.30 8.32
N VAL A 169 -8.42 0.07 7.41
CA VAL A 169 -8.80 0.52 6.08
C VAL A 169 -9.56 -0.56 5.34
N ALA A 170 -9.18 -1.81 5.55
CA ALA A 170 -9.82 -2.92 4.86
C ALA A 170 -11.23 -3.22 5.38
N VAL A 171 -11.44 -3.17 6.69
CA VAL A 171 -12.72 -3.69 7.23
C VAL A 171 -13.62 -2.73 7.99
N ILE A 172 -13.21 -1.47 8.14
CA ILE A 172 -14.05 -0.47 8.81
C ILE A 172 -14.52 0.59 7.81
N PRO A 173 -15.78 1.04 7.92
CA PRO A 173 -16.29 2.07 7.01
C PRO A 173 -15.55 3.41 7.18
N LEU A 174 -15.35 4.10 6.07
CA LEU A 174 -14.49 5.28 6.04
C LEU A 174 -14.80 6.32 7.14
N LYS A 175 -16.07 6.56 7.43
CA LYS A 175 -16.44 7.59 8.40
C LYS A 175 -15.70 7.43 9.73
N ASN A 176 -15.43 6.19 10.11
CA ASN A 176 -14.77 5.90 11.38
C ASN A 176 -13.26 6.19 11.41
N TRP A 177 -12.61 6.16 10.25
CA TRP A 177 -11.17 6.42 10.19
C TRP A 177 -10.81 7.60 9.29
N GLU A 178 -11.77 8.51 9.10
CA GLU A 178 -11.52 9.70 8.31
C GLU A 178 -10.43 10.56 8.98
N PHE A 179 -10.36 10.50 10.30
CA PHE A 179 -9.32 11.23 11.01
C PHE A 179 -7.91 10.75 10.64
N ILE A 180 -7.81 9.52 10.17
CA ILE A 180 -6.50 8.99 9.77
C ILE A 180 -6.08 9.58 8.43
N VAL A 181 -7.05 9.71 7.54
CA VAL A 181 -6.81 10.36 6.24
C VAL A 181 -6.31 11.80 6.44
N ASP A 182 -7.01 12.56 7.26
CA ASP A 182 -6.67 13.95 7.50
C ASP A 182 -5.35 14.08 8.25
N PHE A 183 -5.08 13.14 9.16
CA PHE A 183 -3.82 13.14 9.87
C PHE A 183 -2.67 12.97 8.88
N VAL A 184 -2.79 11.99 8.00
CA VAL A 184 -1.77 11.65 7.02
C VAL A 184 -1.59 12.73 5.95
N ALA A 185 -2.69 13.39 5.56
CA ALA A 185 -2.61 14.49 4.60
C ALA A 185 -1.98 15.75 5.21
N THR A 186 -1.84 15.82 6.53
CA THR A 186 -1.16 16.97 7.11
C THR A 186 0.28 16.98 6.59
N PRO A 187 0.68 18.06 5.91
CA PRO A 187 1.94 18.13 5.17
C PRO A 187 3.14 17.50 5.89
N GLU A 188 3.38 17.85 7.15
CA GLU A 188 4.57 17.37 7.84
C GLU A 188 4.46 15.89 8.20
N HIS A 189 3.23 15.42 8.41
CA HIS A 189 2.99 14.01 8.65
C HIS A 189 3.19 13.22 7.36
N LEU A 190 2.64 13.72 6.26
CA LEU A 190 2.80 13.04 4.98
C LEU A 190 4.28 12.89 4.63
N ARG A 191 5.05 13.95 4.87
CA ARG A 191 6.50 13.93 4.60
C ARG A 191 7.21 12.84 5.41
N GLN A 192 6.86 12.70 6.69
CA GLN A 192 7.50 11.70 7.53
C GLN A 192 7.07 10.29 7.14
N ILE A 193 5.79 10.13 6.85
CA ILE A 193 5.24 8.81 6.63
C ILE A 193 5.66 8.29 5.26
N CYS A 194 5.57 9.16 4.26
CA CYS A 194 5.97 8.80 2.89
C CYS A 194 7.46 8.69 2.67
N SER A 195 8.26 9.13 3.64
CA SER A 195 9.69 8.93 3.52
C SER A 195 10.06 7.59 4.15
N ASP A 196 9.04 6.88 4.65
CA ASP A 196 9.25 5.60 5.32
C ASP A 196 8.81 4.41 4.48
N LYS A 197 9.58 3.33 4.60
CA LYS A 197 9.34 2.08 3.91
C LYS A 197 7.95 1.50 4.18
N TYR A 198 7.57 1.44 5.45
CA TYR A 198 6.28 0.86 5.81
C TYR A 198 5.19 1.91 5.79
N GLY A 199 5.56 3.14 6.09
CA GLY A 199 4.62 4.24 6.05
C GLY A 199 4.00 4.37 4.66
N CYS A 200 4.82 4.18 3.63
CA CYS A 200 4.35 4.22 2.24
C CYS A 200 3.27 3.17 1.97
N ARG A 201 3.47 1.97 2.50
CA ARG A 201 2.48 0.90 2.36
C ARG A 201 1.12 1.33 2.92
N VAL A 202 1.16 2.07 4.02
CA VAL A 202 -0.08 2.54 4.62
C VAL A 202 -0.78 3.54 3.70
N VAL A 203 -0.02 4.47 3.15
CA VAL A 203 -0.59 5.46 2.25
C VAL A 203 -1.10 4.81 0.97
N GLN A 204 -0.33 3.87 0.44
CA GLN A 204 -0.76 3.11 -0.73
C GLN A 204 -2.12 2.44 -0.52
N THR A 205 -2.29 1.74 0.60
CA THR A 205 -3.53 1.00 0.82
C THR A 205 -4.73 1.95 1.00
N ILE A 206 -4.50 3.06 1.69
CA ILE A 206 -5.51 4.11 1.81
C ILE A 206 -5.91 4.65 0.44
N ILE A 207 -4.93 4.94 -0.41
CA ILE A 207 -5.25 5.46 -1.75
C ILE A 207 -6.17 4.51 -2.50
N GLU A 208 -5.88 3.21 -2.43
CA GLU A 208 -6.66 2.22 -3.16
C GLU A 208 -8.06 2.11 -2.61
N LYS A 209 -8.19 2.17 -1.29
CA LYS A 209 -9.51 2.12 -0.67
C LYS A 209 -10.32 3.35 -1.08
N LEU A 210 -9.65 4.49 -1.25
CA LEU A 210 -10.33 5.75 -1.59
C LEU A 210 -10.60 5.93 -3.08
N THR A 211 -10.25 4.92 -3.88
CA THR A 211 -10.43 5.00 -5.33
C THR A 211 -11.80 4.47 -5.73
N ALA A 212 -12.48 5.18 -6.63
CA ALA A 212 -13.77 4.73 -7.11
C ALA A 212 -13.60 3.68 -8.18
N ASP A 213 -13.14 2.50 -7.77
CA ASP A 213 -12.94 1.42 -8.71
C ASP A 213 -14.04 0.38 -8.61
N SER A 214 -13.89 -0.70 -9.37
CA SER A 214 -14.93 -1.72 -9.45
C SER A 214 -15.15 -2.34 -8.06
N MET A 215 -14.16 -2.16 -7.19
CA MET A 215 -14.24 -2.70 -5.84
C MET A 215 -15.11 -1.88 -4.88
N ASN A 216 -15.54 -0.68 -5.31
CA ASN A 216 -16.33 0.19 -4.44
C ASN A 216 -17.75 0.43 -4.95
N VAL A 217 -18.17 -0.35 -5.93
CA VAL A 217 -19.48 -0.15 -6.56
C VAL A 217 -20.62 -0.49 -5.59
N ASP A 218 -20.28 -1.15 -4.49
CA ASP A 218 -21.30 -1.49 -3.50
C ASP A 218 -21.63 -0.30 -2.58
N LEU A 219 -20.88 0.79 -2.69
CA LEU A 219 -21.10 1.96 -1.83
C LEU A 219 -22.37 2.72 -2.19
N THR A 220 -23.09 3.22 -1.18
CA THR A 220 -24.15 4.19 -1.42
C THR A 220 -23.53 5.48 -1.94
N SER A 221 -24.36 6.34 -2.54
CA SER A 221 -23.87 7.57 -3.15
C SER A 221 -23.33 8.52 -2.08
N ALA A 222 -24.01 8.55 -0.94
CA ALA A 222 -23.53 9.29 0.21
C ALA A 222 -22.15 8.81 0.63
N ALA A 223 -21.95 7.49 0.61
CA ALA A 223 -20.66 6.94 0.97
C ALA A 223 -19.60 7.26 -0.10
N GLN A 224 -20.02 7.29 -1.36
CA GLN A 224 -19.14 7.68 -2.46
C GLN A 224 -18.71 9.14 -2.29
N ASN A 225 -19.66 9.98 -1.91
CA ASN A 225 -19.36 11.39 -1.64
C ASN A 225 -18.32 11.53 -0.53
N LEU A 226 -18.51 10.80 0.56
CA LEU A 226 -17.52 10.80 1.63
C LEU A 226 -16.15 10.36 1.10
N ARG A 227 -16.13 9.26 0.34
CA ARG A 227 -14.90 8.73 -0.23
C ARG A 227 -14.17 9.78 -1.07
N GLU A 228 -14.93 10.52 -1.87
CA GLU A 228 -14.38 11.53 -2.76
C GLU A 228 -13.70 12.66 -2.00
N ARG A 229 -14.37 13.19 -0.97
CA ARG A 229 -13.78 14.25 -0.16
C ARG A 229 -12.44 13.83 0.45
N ALA A 230 -12.42 12.62 1.01
CA ALA A 230 -11.19 12.11 1.62
C ALA A 230 -10.12 11.96 0.55
N LEU A 231 -10.50 11.48 -0.63
CA LEU A 231 -9.55 11.31 -1.73
C LEU A 231 -8.95 12.65 -2.12
N GLN A 232 -9.80 13.67 -2.29
CA GLN A 232 -9.32 14.98 -2.71
C GLN A 232 -8.36 15.57 -1.69
N ARG A 233 -8.69 15.46 -0.41
CA ARG A 233 -7.85 16.03 0.63
C ARG A 233 -6.47 15.36 0.65
N LEU A 234 -6.46 14.04 0.51
CA LEU A 234 -5.19 13.31 0.48
C LEU A 234 -4.38 13.61 -0.78
N MET A 235 -5.07 13.71 -1.92
CA MET A 235 -4.39 13.94 -3.19
C MET A 235 -3.85 15.36 -3.32
N THR A 236 -4.51 16.32 -2.69
CA THR A 236 -3.99 17.67 -2.72
C THR A 236 -2.63 17.65 -2.03
N SER A 237 -2.54 16.96 -0.91
CA SER A 237 -1.27 16.88 -0.19
C SER A 237 -0.18 16.13 -0.96
N VAL A 238 -0.58 15.05 -1.62
CA VAL A 238 0.34 14.25 -2.42
C VAL A 238 0.87 15.06 -3.61
N THR A 239 -0.03 15.70 -4.33
CA THR A 239 0.37 16.45 -5.53
C THR A 239 1.20 17.68 -5.16
N ASN A 240 0.90 18.31 -4.02
CA ASN A 240 1.70 19.44 -3.55
C ASN A 240 3.15 19.06 -3.20
N ARG A 241 3.39 17.79 -2.87
CA ARG A 241 4.75 17.34 -2.57
C ARG A 241 5.24 16.36 -3.63
N CYS A 242 4.63 16.43 -4.82
CA CYS A 242 4.89 15.45 -5.86
C CYS A 242 6.38 15.31 -6.17
N GLN A 243 7.07 16.44 -6.24
CA GLN A 243 8.50 16.46 -6.56
C GLN A 243 9.28 15.60 -5.55
N GLU A 244 9.07 15.90 -4.28
CA GLU A 244 9.69 15.15 -3.20
C GLU A 244 9.34 13.65 -3.26
N LEU A 245 8.06 13.34 -3.47
CA LEU A 245 7.61 11.95 -3.49
C LEU A 245 8.10 11.16 -4.71
N ALA A 246 8.02 11.76 -5.89
CA ALA A 246 8.45 11.10 -7.12
C ALA A 246 9.93 10.72 -7.10
N THR A 247 10.75 11.55 -6.45
CA THR A 247 12.18 11.30 -6.40
C THR A 247 12.62 10.47 -5.21
N ASN A 248 11.69 10.12 -4.32
CA ASN A 248 12.04 9.42 -3.10
C ASN A 248 12.11 7.91 -3.30
N GLU A 249 13.04 7.28 -2.58
CA GLU A 249 13.31 5.85 -2.69
C GLU A 249 12.09 4.96 -2.44
N TYR A 250 11.18 5.40 -1.58
CA TYR A 250 9.99 4.61 -1.28
C TYR A 250 8.73 5.17 -1.94
N ALA A 251 8.56 6.49 -1.91
CA ALA A 251 7.28 7.06 -2.35
C ALA A 251 7.15 7.15 -3.87
N ASN A 252 8.24 6.93 -4.59
CA ASN A 252 8.13 6.87 -6.05
C ASN A 252 7.13 5.80 -6.52
N TYR A 253 6.98 4.72 -5.74
CA TYR A 253 6.02 3.67 -6.06
C TYR A 253 4.57 4.17 -5.98
N ILE A 254 4.32 5.09 -5.05
CA ILE A 254 2.99 5.66 -4.90
C ILE A 254 2.66 6.53 -6.11
N ILE A 255 3.61 7.38 -6.48
CA ILE A 255 3.42 8.26 -7.62
C ILE A 255 3.21 7.44 -8.89
N GLN A 256 3.99 6.37 -9.05
CA GLN A 256 3.82 5.46 -10.17
C GLN A 256 2.43 4.84 -10.15
N HIS A 257 1.96 4.39 -8.98
CA HIS A 257 0.61 3.85 -8.92
C HIS A 257 -0.44 4.86 -9.40
N ILE A 258 -0.34 6.10 -8.92
CA ILE A 258 -1.32 7.11 -9.30
C ILE A 258 -1.32 7.37 -10.81
N VAL A 259 -0.13 7.50 -11.39
CA VAL A 259 0.00 7.73 -12.83
C VAL A 259 -0.50 6.53 -13.66
N SER A 260 -0.31 5.33 -13.14
CA SER A 260 -0.68 4.10 -13.84
C SER A 260 -2.18 3.77 -13.83
N ASN A 261 -2.90 4.33 -12.86
CA ASN A 261 -4.28 3.91 -12.61
C ASN A 261 -5.30 4.76 -13.33
N ASP A 262 -6.01 4.16 -14.29
CA ASP A 262 -7.03 4.87 -15.05
C ASP A 262 -8.08 5.49 -14.15
N ASP A 263 -8.35 4.84 -13.01
CA ASP A 263 -9.38 5.31 -12.09
C ASP A 263 -8.92 6.53 -11.29
N LEU A 264 -7.64 6.87 -11.43
CA LEU A 264 -7.10 8.10 -10.83
C LEU A 264 -6.66 9.06 -11.94
N ALA A 265 -7.30 8.97 -13.11
CA ALA A 265 -6.86 9.71 -14.30
C ALA A 265 -6.62 11.21 -14.08
N VAL A 266 -7.51 11.86 -13.36
CA VAL A 266 -7.41 13.31 -13.16
C VAL A 266 -6.17 13.67 -12.33
N TYR A 267 -5.79 12.77 -11.43
CA TYR A 267 -4.61 12.98 -10.62
C TYR A 267 -3.34 12.63 -11.36
N ARG A 268 -3.43 11.64 -12.24
CA ARG A 268 -2.34 11.34 -13.15
C ARG A 268 -1.98 12.59 -13.97
N GLU A 269 -3.01 13.30 -14.44
CA GLU A 269 -2.79 14.49 -15.26
C GLU A 269 -2.23 15.66 -14.46
N CYS A 270 -2.73 15.84 -13.24
CA CYS A 270 -2.21 16.87 -12.36
C CYS A 270 -0.70 16.67 -12.17
N ILE A 271 -0.34 15.43 -11.83
CA ILE A 271 1.07 15.10 -11.62
C ILE A 271 1.94 15.38 -12.83
N ILE A 272 1.47 14.95 -13.99
CA ILE A 272 2.23 15.11 -15.21
C ILE A 272 2.45 16.60 -15.51
N GLU A 273 1.36 17.36 -15.48
CA GLU A 273 1.39 18.80 -15.76
C GLU A 273 2.23 19.59 -14.77
N LYS A 274 1.95 19.43 -13.48
CA LYS A 274 2.53 20.31 -12.47
C LYS A 274 3.79 19.75 -11.82
N CYS A 275 4.10 18.50 -12.07
CA CYS A 275 5.32 17.93 -11.52
C CYS A 275 6.34 17.48 -12.59
N LEU A 276 5.89 16.70 -13.57
CA LEU A 276 6.83 16.07 -14.50
C LEU A 276 7.19 16.97 -15.69
N MET A 277 6.21 17.71 -16.19
CA MET A 277 6.42 18.51 -17.39
C MET A 277 7.49 19.57 -17.14
N ARG A 278 8.43 19.68 -18.08
CA ARG A 278 9.53 20.64 -18.00
C ARG A 278 10.67 20.13 -17.14
N ASN A 279 10.47 18.99 -16.47
CA ASN A 279 11.53 18.38 -15.65
C ASN A 279 11.95 16.99 -16.15
N LEU A 280 11.48 16.61 -17.34
CA LEU A 280 11.66 15.26 -17.84
C LEU A 280 13.12 14.85 -18.00
N LEU A 281 13.92 15.75 -18.58
CA LEU A 281 15.35 15.50 -18.74
C LEU A 281 16.00 15.19 -17.41
N SER A 282 15.81 16.04 -16.41
CA SER A 282 16.48 15.82 -15.12
C SER A 282 15.92 14.61 -14.38
N LEU A 283 14.60 14.44 -14.40
CA LEU A 283 13.95 13.34 -13.67
C LEU A 283 14.35 11.98 -14.28
N SER A 284 14.51 11.96 -15.59
CA SER A 284 14.92 10.76 -16.30
C SER A 284 16.31 10.31 -15.86
N GLN A 285 17.10 11.24 -15.31
CA GLN A 285 18.43 10.90 -14.81
C GLN A 285 18.48 10.59 -13.30
N GLU A 286 17.31 10.50 -12.67
CA GLU A 286 17.23 10.15 -11.26
C GLU A 286 17.00 8.66 -11.11
N LYS A 287 17.63 8.06 -10.12
CA LYS A 287 17.44 6.63 -9.87
C LYS A 287 15.96 6.29 -9.62
N PHE A 288 15.30 7.08 -8.81
CA PHE A 288 13.94 6.75 -8.44
C PHE A 288 12.91 7.35 -9.40
N ALA A 289 13.08 8.62 -9.75
CA ALA A 289 12.09 9.31 -10.57
C ALA A 289 12.02 8.80 -12.01
N SER A 290 13.10 8.15 -12.47
CA SER A 290 13.12 7.65 -13.84
C SER A 290 11.99 6.65 -14.08
N HIS A 291 11.64 5.89 -13.05
CA HIS A 291 10.52 4.95 -13.14
C HIS A 291 9.19 5.68 -13.27
N VAL A 292 9.07 6.81 -12.59
CA VAL A 292 7.86 7.61 -12.66
C VAL A 292 7.69 8.18 -14.07
N VAL A 293 8.79 8.64 -14.65
CA VAL A 293 8.78 9.19 -16.01
C VAL A 293 8.32 8.13 -17.02
N GLU A 294 8.81 6.91 -16.88
CA GLU A 294 8.36 5.82 -17.74
C GLU A 294 6.85 5.64 -17.69
N LYS A 295 6.31 5.55 -16.48
CA LYS A 295 4.88 5.42 -16.25
C LYS A 295 4.08 6.53 -16.92
N ALA A 296 4.57 7.75 -16.75
CA ALA A 296 3.94 8.92 -17.37
C ALA A 296 3.87 8.76 -18.89
N PHE A 297 4.97 8.34 -19.51
CA PHE A 297 4.95 8.10 -20.96
C PHE A 297 3.92 7.03 -21.32
N LEU A 298 3.87 5.95 -20.53
CA LEU A 298 3.04 4.79 -20.84
C LEU A 298 1.56 5.09 -20.69
N HIS A 299 1.23 6.00 -19.78
CA HIS A 299 -0.16 6.23 -19.44
C HIS A 299 -0.72 7.63 -19.72
N ALA A 300 0.12 8.57 -20.14
CA ALA A 300 -0.36 9.91 -20.45
C ALA A 300 -1.43 9.89 -21.56
N PRO A 301 -2.48 10.72 -21.41
CA PRO A 301 -3.40 11.00 -22.51
C PRO A 301 -2.63 11.61 -23.68
N LEU A 302 -3.09 11.33 -24.89
CA LEU A 302 -2.43 11.76 -26.12
C LEU A 302 -1.87 13.19 -26.12
N GLU A 303 -2.66 14.15 -25.65
CA GLU A 303 -2.25 15.55 -25.71
C GLU A 303 -1.03 15.81 -24.83
N LEU A 304 -1.04 15.26 -23.62
CA LEU A 304 0.11 15.36 -22.73
C LEU A 304 1.29 14.57 -23.29
N LEU A 305 1.00 13.38 -23.83
CA LEU A 305 2.04 12.55 -24.38
C LEU A 305 2.81 13.31 -25.46
N ALA A 306 2.08 14.06 -26.27
CA ALA A 306 2.66 14.85 -27.35
C ALA A 306 3.56 15.93 -26.78
N GLU A 307 3.13 16.55 -25.68
CA GLU A 307 3.95 17.55 -25.01
C GLU A 307 5.22 16.93 -24.43
N MET A 308 5.07 15.74 -23.85
CA MET A 308 6.21 14.99 -23.31
C MET A 308 7.23 14.68 -24.38
N MET A 309 6.76 14.18 -25.51
CA MET A 309 7.63 13.82 -26.62
C MET A 309 8.34 15.06 -27.15
N ASP A 310 7.55 16.12 -27.36
CA ASP A 310 8.05 17.37 -27.88
C ASP A 310 9.10 17.93 -26.95
N GLU A 311 8.91 17.73 -25.64
CA GLU A 311 9.87 18.20 -24.67
C GLU A 311 11.21 17.47 -24.81
N ILE A 312 11.17 16.16 -25.01
CA ILE A 312 12.41 15.41 -25.24
C ILE A 312 13.06 15.79 -26.58
N PHE A 313 12.28 15.88 -27.64
CA PHE A 313 12.86 16.13 -28.96
C PHE A 313 13.30 17.58 -29.20
N ASP A 314 12.67 18.52 -28.49
CA ASP A 314 12.90 19.95 -28.75
C ASP A 314 12.59 20.87 -27.56
N GLY A 315 12.67 20.36 -26.33
CA GLY A 315 12.38 21.17 -25.15
C GLY A 315 13.62 21.82 -24.54
N TYR A 316 14.80 21.34 -24.94
CA TYR A 316 16.04 21.76 -24.29
C TYR A 316 17.06 22.25 -25.31
N ILE A 317 17.84 23.25 -24.91
CA ILE A 317 18.89 23.77 -25.77
C ILE A 317 20.13 22.88 -25.69
N PRO A 318 20.64 22.45 -26.87
CA PRO A 318 21.82 21.58 -26.97
C PRO A 318 23.07 22.23 -26.36
N HIS A 319 24.04 21.41 -25.94
CA HIS A 319 25.27 21.93 -25.36
C HIS A 319 25.98 22.86 -26.35
N PRO A 320 26.36 24.05 -25.89
CA PRO A 320 26.95 25.10 -26.73
C PRO A 320 28.22 24.68 -27.50
N ASP A 321 29.00 23.77 -26.91
CA ASP A 321 30.27 23.36 -27.52
C ASP A 321 30.19 22.05 -28.30
N THR A 322 29.53 21.05 -27.73
CA THR A 322 29.52 19.70 -28.31
C THR A 322 28.35 19.44 -29.25
N GLY A 323 27.24 20.15 -29.04
CA GLY A 323 26.03 19.90 -29.79
C GLY A 323 25.18 18.76 -29.25
N LYS A 324 25.54 18.26 -28.05
CA LYS A 324 24.74 17.22 -27.40
C LYS A 324 23.36 17.71 -26.98
N ASP A 325 22.32 16.95 -27.33
CA ASP A 325 20.96 17.30 -26.94
C ASP A 325 20.40 16.38 -25.84
N ALA A 326 19.13 16.59 -25.52
CA ALA A 326 18.47 15.86 -24.45
C ALA A 326 18.44 14.37 -24.75
N LEU A 327 18.17 14.04 -26.00
CA LEU A 327 18.10 12.66 -26.44
C LEU A 327 19.47 11.96 -26.41
N ASP A 328 20.54 12.67 -26.78
CA ASP A 328 21.89 12.13 -26.65
C ASP A 328 22.15 11.79 -25.18
N ILE A 329 21.90 12.75 -24.30
CA ILE A 329 22.19 12.53 -22.88
C ILE A 329 21.44 11.31 -22.38
N MET A 330 20.15 11.25 -22.68
CA MET A 330 19.29 10.22 -22.15
C MET A 330 19.62 8.81 -22.66
N MET A 331 19.90 8.69 -23.95
CA MET A 331 20.23 7.39 -24.53
C MET A 331 21.41 6.72 -23.85
N PHE A 332 22.36 7.51 -23.38
CA PHE A 332 23.58 6.95 -22.85
C PHE A 332 23.70 7.07 -21.33
N HIS A 333 22.65 7.58 -20.71
CA HIS A 333 22.65 7.74 -19.27
C HIS A 333 22.25 6.43 -18.57
N GLN A 334 22.84 6.16 -17.41
CA GLN A 334 22.62 4.90 -16.69
C GLN A 334 21.15 4.64 -16.36
N PHE A 335 20.38 5.69 -16.10
CA PHE A 335 18.94 5.55 -15.86
C PHE A 335 18.13 6.05 -17.07
N GLY A 336 18.60 7.13 -17.71
CA GLY A 336 17.84 7.75 -18.78
C GLY A 336 17.64 6.85 -19.99
N ASN A 337 18.57 5.93 -20.21
CA ASN A 337 18.44 5.01 -21.33
C ASN A 337 17.15 4.19 -21.28
N TYR A 338 16.62 3.96 -20.08
CA TYR A 338 15.40 3.15 -19.92
C TYR A 338 14.17 3.95 -20.35
N VAL A 339 14.24 5.26 -20.18
CA VAL A 339 13.16 6.12 -20.63
C VAL A 339 13.08 6.17 -22.17
N VAL A 340 14.24 6.31 -22.82
CA VAL A 340 14.24 6.33 -24.28
C VAL A 340 13.73 4.99 -24.83
N GLN A 341 14.15 3.88 -24.22
CA GLN A 341 13.65 2.57 -24.63
C GLN A 341 12.13 2.54 -24.48
N CYS A 342 11.63 3.11 -23.39
CA CYS A 342 10.19 3.19 -23.18
C CYS A 342 9.50 4.00 -24.28
N MET A 343 10.05 5.17 -24.62
CA MET A 343 9.51 5.99 -25.71
C MET A 343 9.43 5.23 -27.02
N LEU A 344 10.50 4.51 -27.33
CA LEU A 344 10.60 3.78 -28.59
C LEU A 344 9.57 2.66 -28.64
N THR A 345 9.41 1.97 -27.52
CA THR A 345 8.49 0.84 -27.44
C THR A 345 7.04 1.29 -27.60
N ILE A 346 6.73 2.45 -27.03
CA ILE A 346 5.40 3.01 -27.20
C ILE A 346 5.13 3.28 -28.68
N CYS A 347 6.07 3.92 -29.34
CA CYS A 347 5.91 4.27 -30.75
C CYS A 347 5.79 3.04 -31.66
N CYS A 348 6.63 2.03 -31.43
CA CYS A 348 6.54 0.80 -32.20
C CYS A 348 5.24 0.02 -31.92
N ASP A 349 4.77 0.04 -30.68
CA ASP A 349 3.49 -0.58 -30.35
C ASP A 349 2.32 0.12 -31.03
N ALA A 350 2.38 1.45 -31.11
CA ALA A 350 1.31 2.22 -31.73
C ALA A 350 1.26 1.95 -33.23
N VAL A 351 2.40 2.10 -33.89
CA VAL A 351 2.49 1.91 -35.33
C VAL A 351 2.19 0.47 -35.77
N SER A 352 2.38 -0.48 -34.86
CA SER A 352 2.18 -1.89 -35.20
C SER A 352 0.80 -2.41 -34.77
N GLY A 353 -0.01 -1.53 -34.16
CA GLY A 353 -1.35 -1.89 -33.77
C GLY A 353 -1.49 -2.46 -32.37
N ARG A 354 -0.36 -2.73 -31.72
CA ARG A 354 -0.37 -3.24 -30.35
C ARG A 354 -0.91 -2.22 -29.34
N ARG A 355 -1.11 -0.98 -29.79
CA ARG A 355 -1.55 0.10 -28.91
C ARG A 355 -2.54 1.02 -29.63
N GLN A 356 -3.64 1.34 -28.96
CA GLN A 356 -4.64 2.25 -29.50
C GLN A 356 -4.01 3.58 -29.91
N THR A 357 -4.37 4.06 -31.09
CA THR A 357 -3.87 5.36 -31.52
C THR A 357 -4.98 6.40 -31.53
N LYS A 358 -6.24 5.96 -31.52
CA LYS A 358 -7.36 6.90 -31.41
C LYS A 358 -7.69 7.23 -29.96
N GLU A 359 -8.08 8.48 -29.75
CA GLU A 359 -8.37 9.00 -28.42
C GLU A 359 -8.81 10.45 -28.56
N GLY A 360 -9.88 10.82 -27.86
CA GLY A 360 -10.42 12.16 -28.00
C GLY A 360 -11.03 12.34 -29.38
N GLY A 361 -11.70 11.29 -29.86
CA GLY A 361 -12.40 11.34 -31.12
C GLY A 361 -11.50 11.31 -32.35
N TYR A 362 -10.18 11.37 -32.12
CA TYR A 362 -9.23 11.43 -33.22
C TYR A 362 -8.18 10.32 -33.19
N ASP A 363 -7.74 9.91 -34.39
CA ASP A 363 -6.67 8.94 -34.55
C ASP A 363 -5.31 9.67 -34.64
N HIS A 364 -4.50 9.50 -33.60
CA HIS A 364 -3.20 10.19 -33.50
C HIS A 364 -2.04 9.42 -34.14
N ALA A 365 -2.36 8.46 -35.01
CA ALA A 365 -1.35 7.59 -35.60
C ALA A 365 -0.22 8.38 -36.24
N ILE A 366 -0.59 9.50 -36.85
CA ILE A 366 0.38 10.33 -37.55
C ILE A 366 1.45 10.90 -36.59
N SER A 367 1.06 11.14 -35.34
CA SER A 367 1.99 11.66 -34.35
C SER A 367 2.98 10.57 -33.92
N PHE A 368 2.47 9.37 -33.72
CA PHE A 368 3.34 8.25 -33.37
C PHE A 368 4.37 7.97 -34.47
N GLN A 369 3.94 8.08 -35.72
CA GLN A 369 4.83 7.87 -36.87
C GLN A 369 5.91 8.96 -36.89
N ASP A 370 5.49 10.18 -36.63
CA ASP A 370 6.38 11.32 -36.48
C ASP A 370 7.46 11.01 -35.44
N TRP A 371 7.05 10.62 -34.24
CA TRP A 371 8.00 10.38 -33.15
C TRP A 371 8.92 9.19 -33.44
N LEU A 372 8.37 8.19 -34.12
CA LEU A 372 9.15 7.00 -34.48
C LEU A 372 10.25 7.31 -35.48
N LYS A 373 9.91 8.12 -36.48
CA LYS A 373 10.85 8.54 -37.50
C LYS A 373 12.03 9.29 -36.87
N LYS A 374 11.73 10.17 -35.93
CA LYS A 374 12.77 10.89 -35.21
C LYS A 374 13.71 9.91 -34.50
N LEU A 375 13.13 8.97 -33.75
CA LEU A 375 13.91 8.00 -33.01
C LEU A 375 14.71 7.09 -33.92
N HIS A 376 14.12 6.72 -35.06
CA HIS A 376 14.78 5.85 -36.02
C HIS A 376 15.95 6.57 -36.68
N SER A 377 15.75 7.83 -37.04
CA SER A 377 16.81 8.63 -37.61
C SER A 377 17.97 8.76 -36.62
N ARG A 378 17.68 9.04 -35.35
CA ARG A 378 18.72 9.15 -34.33
C ARG A 378 19.46 7.82 -34.13
N VAL A 379 18.73 6.73 -33.98
CA VAL A 379 19.34 5.42 -33.77
C VAL A 379 20.18 4.98 -34.96
N THR A 380 19.71 5.28 -36.18
CA THR A 380 20.47 5.02 -37.39
C THR A 380 21.80 5.78 -37.37
N LYS A 381 21.76 7.08 -37.10
CA LYS A 381 22.98 7.86 -37.14
C LYS A 381 23.99 7.47 -36.05
N GLU A 382 23.50 7.03 -34.90
CA GLU A 382 24.35 6.69 -33.77
C GLU A 382 24.50 5.19 -33.55
N ARG A 383 24.23 4.40 -34.58
CA ARG A 383 24.16 2.95 -34.41
C ARG A 383 25.47 2.34 -33.86
N HIS A 384 26.61 2.88 -34.30
CA HIS A 384 27.91 2.39 -33.85
C HIS A 384 28.16 2.59 -32.36
N ARG A 385 27.95 3.79 -31.85
CA ARG A 385 28.09 4.02 -30.42
C ARG A 385 27.02 3.25 -29.64
N LEU A 386 25.82 3.16 -30.20
CA LEU A 386 24.72 2.50 -29.52
C LEU A 386 24.93 1.01 -29.39
N SER A 387 25.60 0.39 -30.37
CA SER A 387 25.83 -1.04 -30.34
C SER A 387 26.85 -1.49 -29.27
N ARG A 388 27.60 -0.55 -28.71
CA ARG A 388 28.48 -0.82 -27.56
C ARG A 388 27.71 -1.19 -26.29
N PHE A 389 26.45 -0.79 -26.22
CA PHE A 389 25.64 -0.92 -25.00
C PHE A 389 24.46 -1.86 -25.17
N SER A 390 24.13 -2.58 -24.09
CA SER A 390 22.93 -3.40 -24.04
C SER A 390 21.67 -2.61 -24.43
N SER A 391 21.50 -1.41 -23.92
CA SER A 391 20.33 -0.60 -24.23
C SER A 391 20.29 -0.24 -25.71
N GLY A 392 21.45 0.14 -26.25
CA GLY A 392 21.59 0.44 -27.65
C GLY A 392 21.18 -0.73 -28.54
N LYS A 393 21.70 -1.91 -28.23
CA LYS A 393 21.37 -3.13 -28.98
C LYS A 393 19.89 -3.47 -28.86
N LYS A 394 19.30 -3.19 -27.69
CA LYS A 394 17.87 -3.42 -27.51
C LYS A 394 17.04 -2.53 -28.45
N MET A 395 17.41 -1.25 -28.55
CA MET A 395 16.69 -0.32 -29.41
C MET A 395 16.84 -0.66 -30.89
N ILE A 396 18.05 -1.02 -31.29
CA ILE A 396 18.33 -1.41 -32.66
C ILE A 396 17.45 -2.61 -33.03
N GLU A 397 17.41 -3.58 -32.13
CA GLU A 397 16.63 -4.80 -32.31
C GLU A 397 15.13 -4.51 -32.33
N THR A 398 14.69 -3.60 -31.47
CA THR A 398 13.29 -3.19 -31.43
C THR A 398 12.87 -2.68 -32.80
N LEU A 399 13.68 -1.81 -33.37
CA LEU A 399 13.41 -1.23 -34.68
C LEU A 399 13.51 -2.25 -35.80
N ALA A 400 14.42 -3.21 -35.66
CA ALA A 400 14.60 -4.25 -36.66
C ALA A 400 13.40 -5.18 -36.70
N ASN A 401 12.86 -5.50 -35.53
CA ASN A 401 11.70 -6.39 -35.43
C ASN A 401 10.43 -5.74 -35.95
N LEU A 402 10.45 -4.41 -36.08
CA LEU A 402 9.29 -3.69 -36.56
C LEU A 402 9.17 -3.72 -38.08
N ARG A 403 10.31 -3.54 -38.76
CA ARG A 403 10.34 -3.53 -40.22
C ARG A 403 9.50 -4.64 -40.81
N SER A 404 9.64 -5.84 -40.25
CA SER A 404 8.80 -6.96 -40.61
C SER A 404 7.42 -6.85 -39.95
#